data_4CCB
#
_entry.id   4CCB
#
_cell.length_a   51.545
_cell.length_b   57.335
_cell.length_c   104.972
_cell.angle_alpha   90.00
_cell.angle_beta   90.00
_cell.angle_gamma   90.00
#
_symmetry.space_group_name_H-M   'P 21 21 21'
#
loop_
_entity.id
_entity.type
_entity.pdbx_description
1 polymer 'ALK TYROSINE KINASE RECEPTOR'
2 non-polymer 3-[(1R)-1-[5-fluoranyl-2-(1,2,3-triazol-2-yl)phenyl]ethoxy]-5-(3-methyl-1H-pyrazol-4-yl)pyridin-2-amine
3 water water
#
_entity_poly.entity_id   1
_entity_poly.type   'polypeptide(L)'
_entity_poly.pdbx_seq_one_letter_code
;MAHHHHHHNPNYCFAGKTSSISDLKEVPRKNITLIRGLGHGAFGEVYEGQVSGMPNDPSPLQVAVKTLPEVCSEQDELDF
LMEALIISKFNHQNIVRCIGVSLQSLPRFILLELMAGGDLKSFLRETRPRPSQPSSLAMLDLLHVARDIACGCQYLEENH
FIHRDIAARNCLLTCPGPGRVAKIGDFGMARDIYRASYYRKGGCAMLPVKWMPPEAFMEGIFTSKTDTWSFGVLLWEIFS
LGYMPYPSKSNQEVLEFVTSGGRMDPPKNCPGPVYRIMTQCWQHQPEDRPNFAIILERIEYCTQDPDVINTALPIEYGPL
VEEEEKV
;
_entity_poly.pdbx_strand_id   A
#
# COMPACT_ATOMS: atom_id res chain seq x y z
N ASN A 9 0.37 28.64 4.95
CA ASN A 9 0.65 27.18 5.04
C ASN A 9 -0.64 26.36 5.02
N PRO A 10 -0.66 25.29 4.21
CA PRO A 10 -1.83 24.42 4.02
C PRO A 10 -2.22 23.61 5.26
N ASN A 11 -3.51 23.47 5.50
CA ASN A 11 -4.02 22.75 6.65
C ASN A 11 -4.31 21.29 6.33
N TYR A 12 -4.43 20.46 7.36
CA TYR A 12 -4.81 19.06 7.19
C TYR A 12 -5.56 18.57 8.42
N CYS A 13 -6.64 17.82 8.19
CA CYS A 13 -7.44 17.27 9.28
C CYS A 13 -7.45 15.74 9.22
N PHE A 14 -7.14 15.10 10.34
CA PHE A 14 -7.25 13.65 10.45
C PHE A 14 -7.72 13.26 11.84
N ALA A 15 -8.66 12.33 11.90
CA ALA A 15 -9.27 11.93 13.17
C ALA A 15 -9.77 13.20 13.85
N GLY A 16 -10.32 14.12 13.05
CA GLY A 16 -10.71 15.42 13.56
C GLY A 16 -9.54 16.38 13.61
N LYS A 17 -8.61 16.12 14.54
CA LYS A 17 -7.50 17.03 14.81
C LYS A 17 -6.93 17.68 13.55
N THR A 18 -6.69 18.98 13.64
CA THR A 18 -6.11 19.74 12.53
C THR A 18 -4.62 19.95 12.77
N SER A 19 -3.84 19.91 11.70
CA SER A 19 -2.41 20.15 11.81
C SER A 19 -1.89 20.97 10.63
N SER A 20 -0.70 21.53 10.80
CA SER A 20 -0.06 22.27 9.72
C SER A 20 1.43 21.95 9.73
N ILE A 21 2.15 22.49 8.76
CA ILE A 21 3.57 22.23 8.62
C ILE A 21 4.30 22.51 9.93
N SER A 22 3.76 23.42 10.73
CA SER A 22 4.37 23.76 12.00
C SER A 22 4.43 22.58 12.96
N ASP A 23 3.58 21.59 12.74
CA ASP A 23 3.52 20.42 13.63
C ASP A 23 4.48 19.30 13.23
N LEU A 24 5.04 19.41 12.03
CA LEU A 24 6.00 18.41 11.55
C LEU A 24 7.31 18.55 12.32
N LYS A 25 7.94 17.42 12.63
CA LYS A 25 9.19 17.45 13.37
C LYS A 25 10.35 17.72 12.43
N GLU A 26 10.88 18.94 12.47
CA GLU A 26 12.01 19.30 11.63
C GLU A 26 13.30 18.71 12.19
N VAL A 27 13.97 17.92 11.36
CA VAL A 27 15.27 17.36 11.71
C VAL A 27 16.38 18.22 11.11
N PRO A 28 17.40 18.57 11.93
CA PRO A 28 18.50 19.40 11.43
C PRO A 28 19.19 18.73 10.25
N ARG A 29 19.36 19.47 9.15
CA ARG A 29 19.90 18.91 7.92
C ARG A 29 21.28 18.32 8.18
N LYS A 30 22.05 18.95 9.06
CA LYS A 30 23.39 18.49 9.39
C LYS A 30 23.38 17.08 9.99
N ASN A 31 22.26 16.70 10.58
CA ASN A 31 22.15 15.39 11.22
C ASN A 31 21.81 14.29 10.20
N ILE A 32 21.57 14.70 8.97
CA ILE A 32 21.09 13.78 7.95
C ILE A 32 22.18 13.44 6.95
N THR A 33 22.47 12.15 6.79
CA THR A 33 23.43 11.68 5.79
C THR A 33 22.73 10.72 4.82
N LEU A 34 22.97 10.90 3.52
CA LEU A 34 22.44 9.99 2.52
C LEU A 34 23.44 8.87 2.23
N ILE A 35 22.92 7.66 2.04
CA ILE A 35 23.76 6.48 1.87
C ILE A 35 23.77 5.99 0.43
N ARG A 36 22.58 5.71 -0.10
CA ARG A 36 22.46 5.15 -1.45
C ARG A 36 21.07 5.43 -2.00
N GLY A 37 20.94 5.41 -3.32
CA GLY A 37 19.62 5.53 -3.92
C GLY A 37 18.80 4.27 -3.74
N LEU A 38 17.49 4.41 -3.72
CA LEU A 38 16.59 3.27 -3.62
C LEU A 38 15.66 3.25 -4.83
N GLY A 39 15.78 4.28 -5.67
CA GLY A 39 14.89 4.43 -6.80
C GLY A 39 13.96 5.61 -6.61
N HIS A 40 13.23 5.97 -7.66
CA HIS A 40 12.28 7.07 -7.58
C HIS A 40 10.91 6.68 -8.11
N GLY A 41 9.87 7.34 -7.62
CA GLY A 41 8.52 7.01 -8.00
C GLY A 41 7.69 8.18 -8.45
N ALA A 42 8.10 8.80 -9.55
CA ALA A 42 7.36 9.90 -10.16
C ALA A 42 7.48 11.21 -9.38
N PHE A 43 7.49 11.11 -8.04
CA PHE A 43 7.58 12.29 -7.19
C PHE A 43 9.02 12.78 -7.12
N GLY A 44 9.96 11.85 -7.24
CA GLY A 44 11.36 12.20 -7.12
C GLY A 44 12.15 11.03 -6.58
N GLU A 45 13.44 11.23 -6.35
CA GLU A 45 14.32 10.16 -5.89
C GLU A 45 14.16 9.88 -4.39
N VAL A 46 14.38 8.64 -4.01
CA VAL A 46 14.36 8.24 -2.62
C VAL A 46 15.70 7.61 -2.29
N TYR A 47 16.29 7.99 -1.17
CA TYR A 47 17.58 7.49 -0.74
C TYR A 47 17.45 6.74 0.57
N GLU A 48 18.35 5.80 0.81
CA GLU A 48 18.56 5.29 2.16
C GLU A 48 19.44 6.30 2.88
N GLY A 49 19.11 6.57 4.14
CA GLY A 49 19.87 7.56 4.88
C GLY A 49 20.00 7.21 6.34
N GLN A 50 20.67 8.09 7.08
CA GLN A 50 20.80 7.98 8.53
C GLN A 50 20.60 9.35 9.16
N VAL A 51 20.01 9.36 10.35
CA VAL A 51 19.93 10.59 11.13
C VAL A 51 20.71 10.41 12.42
N SER A 52 20.43 9.42 13.14
N PRO A 60 22.71 5.30 15.27
CA PRO A 60 22.06 6.24 14.32
C PRO A 60 20.83 5.60 13.67
N LEU A 61 19.79 6.41 13.49
CA LEU A 61 18.53 5.91 12.93
C LEU A 61 18.60 5.76 11.41
N GLN A 62 18.27 4.56 10.94
CA GLN A 62 18.18 4.29 9.51
C GLN A 62 16.88 4.86 8.98
N VAL A 63 16.94 5.58 7.86
CA VAL A 63 15.75 6.19 7.30
C VAL A 63 15.70 6.04 5.78
N ALA A 64 14.50 6.10 5.22
CA ALA A 64 14.35 6.32 3.80
C ALA A 64 14.03 7.79 3.59
N VAL A 65 14.73 8.42 2.65
CA VAL A 65 14.64 9.86 2.47
C VAL A 65 13.93 10.16 1.15
N LYS A 66 12.73 10.70 1.26
CA LYS A 66 11.99 11.12 0.09
C LYS A 66 12.33 12.58 -0.18
N THR A 67 12.75 12.88 -1.40
CA THR A 67 13.24 14.21 -1.71
C THR A 67 12.27 14.93 -2.64
N LEU A 68 12.23 16.25 -2.51
CA LEU A 68 11.48 17.09 -3.43
C LEU A 68 12.48 17.73 -4.40
N PRO A 69 12.30 17.50 -5.71
CA PRO A 69 13.18 18.14 -6.69
C PRO A 69 13.16 19.66 -6.52
N GLU A 70 14.33 20.27 -6.47
CA GLU A 70 14.44 21.71 -6.31
C GLU A 70 13.76 22.43 -7.48
N VAL A 71 13.73 21.78 -8.64
CA VAL A 71 13.00 22.31 -9.78
C VAL A 71 11.60 21.72 -9.82
N CYS A 72 10.64 22.43 -9.22
CA CYS A 72 9.28 21.93 -9.16
C CYS A 72 8.27 23.08 -9.14
N SER A 73 7.05 22.79 -9.55
CA SER A 73 5.97 23.76 -9.47
C SER A 73 5.55 23.88 -8.00
N GLU A 74 4.94 25.00 -7.66
CA GLU A 74 4.49 25.22 -6.28
C GLU A 74 3.43 24.19 -5.92
N GLN A 75 2.81 23.59 -6.94
CA GLN A 75 1.82 22.55 -6.74
C GLN A 75 2.49 21.26 -6.30
N ASP A 76 3.66 20.98 -6.87
CA ASP A 76 4.46 19.83 -6.46
C ASP A 76 4.87 19.98 -4.99
N GLU A 77 5.22 21.20 -4.61
CA GLU A 77 5.68 21.46 -3.26
C GLU A 77 4.54 21.31 -2.26
N LEU A 78 3.34 21.75 -2.65
CA LEU A 78 2.17 21.57 -1.80
C LEU A 78 1.84 20.11 -1.62
N ASP A 79 1.90 19.35 -2.71
CA ASP A 79 1.66 17.92 -2.67
C ASP A 79 2.65 17.26 -1.70
N PHE A 80 3.90 17.73 -1.74
CA PHE A 80 4.95 17.18 -0.91
C PHE A 80 4.66 17.46 0.56
N LEU A 81 4.35 18.70 0.87
CA LEU A 81 4.00 19.07 2.24
C LEU A 81 2.81 18.27 2.76
N MET A 82 1.81 18.07 1.91
CA MET A 82 0.59 17.39 2.33
C MET A 82 0.89 15.93 2.65
N GLU A 83 1.74 15.30 1.84
CA GLU A 83 2.11 13.91 2.07
C GLU A 83 2.79 13.78 3.44
N ALA A 84 3.63 14.75 3.77
CA ALA A 84 4.30 14.78 5.07
C ALA A 84 3.29 14.81 6.21
N LEU A 85 2.29 15.68 6.08
CA LEU A 85 1.29 15.85 7.13
C LEU A 85 0.44 14.59 7.28
N ILE A 86 0.09 13.99 6.15
CA ILE A 86 -0.74 12.80 6.16
C ILE A 86 -0.07 11.65 6.91
N ILE A 87 1.17 11.33 6.54
CA ILE A 87 1.84 10.20 7.16
C ILE A 87 2.23 10.47 8.62
N SER A 88 2.60 11.71 8.93
CA SER A 88 2.97 12.02 10.30
C SER A 88 1.81 11.85 11.28
N LYS A 89 0.58 11.98 10.77
CA LYS A 89 -0.61 11.94 11.62
C LYS A 89 -1.10 10.52 11.92
N PHE A 90 -0.71 9.55 11.11
CA PHE A 90 -1.05 8.16 11.38
C PHE A 90 -0.24 7.60 12.54
N ASN A 91 -0.86 6.71 13.32
CA ASN A 91 -0.18 5.97 14.37
C ASN A 91 -0.68 4.53 14.40
N HIS A 92 -0.01 3.66 13.66
CA HIS A 92 -0.42 2.26 13.59
C HIS A 92 0.76 1.39 13.12
N GLN A 93 0.82 0.16 13.61
CA GLN A 93 1.98 -0.68 13.35
C GLN A 93 2.11 -1.12 11.89
N ASN A 94 1.03 -1.00 11.11
CA ASN A 94 1.08 -1.43 9.71
C ASN A 94 0.99 -0.23 8.77
N ILE A 95 1.34 0.93 9.28
CA ILE A 95 1.55 2.09 8.42
C ILE A 95 2.94 2.65 8.70
N VAL A 96 3.71 2.85 7.64
CA VAL A 96 5.09 3.29 7.78
C VAL A 96 5.19 4.58 8.59
N ARG A 97 6.16 4.62 9.50
CA ARG A 97 6.34 5.78 10.38
C ARG A 97 7.08 6.89 9.66
N CYS A 98 6.77 8.13 10.03
CA CYS A 98 7.55 9.28 9.61
C CYS A 98 8.42 9.72 10.78
N ILE A 99 9.74 9.66 10.59
CA ILE A 99 10.68 10.10 11.61
C ILE A 99 10.67 11.61 11.73
N GLY A 100 10.43 12.28 10.60
CA GLY A 100 10.38 13.72 10.60
C GLY A 100 10.53 14.26 9.20
N VAL A 101 10.87 15.54 9.09
CA VAL A 101 11.09 16.17 7.80
C VAL A 101 12.31 17.09 7.91
N SER A 102 12.80 17.54 6.75
CA SER A 102 13.76 18.62 6.71
C SER A 102 13.32 19.55 5.60
N LEU A 103 12.53 20.56 5.96
CA LEU A 103 11.89 21.41 4.96
C LEU A 103 12.60 22.75 4.83
N GLN A 104 13.51 23.03 5.75
CA GLN A 104 14.16 24.34 5.80
C GLN A 104 15.51 24.33 5.09
N SER A 105 15.75 23.27 4.34
CA SER A 105 16.92 23.19 3.45
C SER A 105 16.50 22.57 2.13
N LEU A 106 17.22 22.90 1.07
CA LEU A 106 16.93 22.37 -0.25
C LEU A 106 17.99 21.37 -0.68
N PRO A 107 17.58 20.24 -1.29
CA PRO A 107 16.18 19.88 -1.53
C PRO A 107 15.48 19.47 -0.24
N ARG A 108 14.16 19.62 -0.20
CA ARG A 108 13.39 19.26 0.98
C ARG A 108 13.27 17.75 1.13
N PHE A 109 13.29 17.29 2.39
CA PHE A 109 13.25 15.86 2.69
C PHE A 109 12.01 15.49 3.48
N ILE A 110 11.45 14.32 3.21
CA ILE A 110 10.61 13.64 4.17
C ILE A 110 11.31 12.37 4.61
N LEU A 111 11.39 12.17 5.93
CA LEU A 111 12.14 11.04 6.48
C LEU A 111 11.20 9.95 6.96
N LEU A 112 11.31 8.76 6.36
CA LEU A 112 10.47 7.63 6.72
C LEU A 112 11.25 6.50 7.38
N GLU A 113 10.57 5.72 8.20
CA GLU A 113 11.04 4.41 8.65
C GLU A 113 11.63 3.62 7.48
N LEU A 114 12.86 3.14 7.62
CA LEU A 114 13.50 2.36 6.56
C LEU A 114 12.98 0.93 6.63
N MET A 115 12.30 0.51 5.57
CA MET A 115 11.75 -0.83 5.52
C MET A 115 12.69 -1.71 4.68
N ALA A 116 13.54 -2.47 5.37
CA ALA A 116 14.66 -3.14 4.71
C ALA A 116 14.22 -4.22 3.74
N GLY A 117 12.98 -4.66 3.86
CA GLY A 117 12.47 -5.68 2.97
C GLY A 117 12.10 -5.15 1.60
N GLY A 118 12.11 -3.83 1.45
CA GLY A 118 11.71 -3.23 0.19
C GLY A 118 10.21 -3.33 -0.06
N ASP A 119 9.78 -2.98 -1.27
CA ASP A 119 8.36 -2.98 -1.58
C ASP A 119 7.83 -4.39 -1.80
N LEU A 120 6.53 -4.56 -1.59
CA LEU A 120 5.93 -5.89 -1.57
C LEU A 120 5.91 -6.57 -2.94
N LYS A 121 5.65 -5.81 -4.00
CA LYS A 121 5.56 -6.40 -5.34
C LYS A 121 6.88 -7.02 -5.76
N SER A 122 7.97 -6.27 -5.57
CA SER A 122 9.28 -6.76 -5.97
C SER A 122 9.70 -7.94 -5.10
N PHE A 123 9.40 -7.86 -3.80
CA PHE A 123 9.65 -8.97 -2.90
C PHE A 123 8.99 -10.25 -3.38
N LEU A 124 7.71 -10.16 -3.71
CA LEU A 124 6.99 -11.34 -4.19
C LEU A 124 7.63 -11.89 -5.45
N ARG A 125 8.03 -10.99 -6.34
CA ARG A 125 8.68 -11.38 -7.59
C ARG A 125 10.00 -12.08 -7.31
N GLU A 126 10.82 -11.48 -6.47
CA GLU A 126 12.17 -11.97 -6.25
C GLU A 126 12.24 -13.17 -5.30
N THR A 127 11.17 -13.41 -4.55
CA THR A 127 11.21 -14.41 -3.50
C THR A 127 10.32 -15.62 -3.80
N ARG A 128 9.73 -15.66 -4.98
CA ARG A 128 8.84 -16.77 -5.30
C ARG A 128 9.62 -18.07 -5.37
N PRO A 129 9.00 -19.18 -4.92
CA PRO A 129 9.65 -20.49 -4.87
C PRO A 129 10.25 -20.90 -6.21
N ARG A 130 11.44 -21.48 -6.14
CA ARG A 130 12.12 -22.00 -7.33
C ARG A 130 12.90 -23.25 -6.93
N PRO A 131 13.43 -23.99 -7.92
CA PRO A 131 14.21 -25.19 -7.60
C PRO A 131 15.39 -24.88 -6.67
N SER A 132 15.83 -23.63 -6.67
CA SER A 132 16.92 -23.19 -5.82
C SER A 132 16.52 -23.21 -4.35
N GLN A 133 17.41 -22.99 -3.49
N SER A 136 12.29 -19.03 -0.77
CA SER A 136 11.16 -19.94 -0.39
C SER A 136 10.08 -19.17 0.34
N LEU A 137 8.83 -19.56 0.10
CA LEU A 137 7.69 -18.89 0.66
C LEU A 137 6.58 -19.92 0.82
N ALA A 138 5.72 -19.73 1.82
CA ALA A 138 4.60 -20.63 2.02
C ALA A 138 3.31 -19.84 2.14
N MET A 139 2.18 -20.54 2.08
CA MET A 139 0.89 -19.91 2.14
C MET A 139 0.78 -19.04 3.39
N LEU A 140 1.34 -19.51 4.51
CA LEU A 140 1.23 -18.77 5.76
C LEU A 140 1.93 -17.41 5.68
N ASP A 141 3.04 -17.34 4.94
CA ASP A 141 3.74 -16.07 4.75
C ASP A 141 2.87 -15.07 4.00
N LEU A 142 2.15 -15.55 3.00
CA LEU A 142 1.28 -14.69 2.20
C LEU A 142 0.10 -14.23 3.05
N LEU A 143 -0.42 -15.13 3.87
CA LEU A 143 -1.55 -14.80 4.73
C LEU A 143 -1.18 -13.77 5.80
N HIS A 144 0.04 -13.85 6.32
CA HIS A 144 0.51 -12.86 7.29
C HIS A 144 0.67 -11.48 6.67
N VAL A 145 1.23 -11.42 5.46
CA VAL A 145 1.29 -10.16 4.74
C VAL A 145 -0.14 -9.61 4.55
N ALA A 146 -1.06 -10.46 4.09
CA ALA A 146 -2.42 -10.02 3.81
C ALA A 146 -3.09 -9.48 5.08
N ARG A 147 -2.89 -10.18 6.19
CA ARG A 147 -3.41 -9.74 7.48
C ARG A 147 -2.80 -8.41 7.90
N ASP A 148 -1.48 -8.26 7.76
CA ASP A 148 -0.82 -7.02 8.11
C ASP A 148 -1.43 -5.80 7.41
N ILE A 149 -1.63 -5.92 6.10
CA ILE A 149 -2.14 -4.79 5.32
C ILE A 149 -3.62 -4.58 5.63
N ALA A 150 -4.36 -5.68 5.81
CA ALA A 150 -5.76 -5.58 6.18
C ALA A 150 -5.90 -4.83 7.50
N CYS A 151 -4.95 -5.04 8.41
CA CYS A 151 -4.99 -4.37 9.69
C CYS A 151 -4.72 -2.87 9.51
N GLY A 152 -3.77 -2.54 8.64
CA GLY A 152 -3.57 -1.14 8.29
C GLY A 152 -4.81 -0.52 7.67
N CYS A 153 -5.47 -1.24 6.76
CA CYS A 153 -6.67 -0.73 6.11
C CYS A 153 -7.83 -0.56 7.08
N GLN A 154 -7.92 -1.45 8.07
CA GLN A 154 -8.95 -1.36 9.09
C GLN A 154 -8.76 -0.11 9.93
N TYR A 155 -7.51 0.20 10.25
CA TYR A 155 -7.20 1.41 11.00
C TYR A 155 -7.56 2.65 10.18
N LEU A 156 -7.30 2.61 8.88
CA LEU A 156 -7.68 3.72 8.02
C LEU A 156 -9.21 3.84 7.97
N GLU A 157 -9.88 2.71 7.78
CA GLU A 157 -11.34 2.70 7.68
C GLU A 157 -11.97 3.31 8.94
N GLU A 158 -11.51 2.90 10.11
CA GLU A 158 -12.13 3.35 11.34
C GLU A 158 -11.83 4.81 11.61
N ASN A 159 -10.81 5.35 10.94
CA ASN A 159 -10.50 6.78 11.01
C ASN A 159 -11.00 7.53 9.79
N HIS A 160 -11.83 6.86 8.99
CA HIS A 160 -12.52 7.48 7.86
C HIS A 160 -11.54 8.07 6.86
N PHE A 161 -10.41 7.39 6.67
CA PHE A 161 -9.45 7.79 5.65
C PHE A 161 -9.51 6.80 4.50
N ILE A 162 -9.71 7.30 3.29
CA ILE A 162 -9.81 6.43 2.13
C ILE A 162 -8.49 6.49 1.37
N HIS A 163 -7.83 5.34 1.22
CA HIS A 163 -6.50 5.33 0.66
C HIS A 163 -6.52 5.54 -0.85
N ARG A 164 -7.39 4.80 -1.54
CA ARG A 164 -7.63 5.00 -2.97
C ARG A 164 -6.63 4.30 -3.90
N ASP A 165 -5.54 3.77 -3.34
CA ASP A 165 -4.55 3.08 -4.17
C ASP A 165 -3.88 1.92 -3.42
N ILE A 166 -4.69 1.10 -2.76
CA ILE A 166 -4.17 -0.08 -2.09
C ILE A 166 -3.66 -1.04 -3.16
N ALA A 167 -2.36 -1.30 -3.15
CA ALA A 167 -1.74 -2.12 -4.18
C ALA A 167 -0.35 -2.56 -3.72
N ALA A 168 0.13 -3.69 -4.24
CA ALA A 168 1.36 -4.28 -3.72
C ALA A 168 2.54 -3.33 -3.85
N ARG A 169 2.54 -2.50 -4.88
CA ARG A 169 3.67 -1.59 -5.12
C ARG A 169 3.71 -0.49 -4.05
N ASN A 170 2.61 -0.33 -3.33
CA ASN A 170 2.52 0.70 -2.31
C ASN A 170 2.69 0.15 -0.89
N CYS A 171 3.05 -1.12 -0.79
CA CYS A 171 3.32 -1.75 0.50
C CYS A 171 4.81 -2.08 0.67
N LEU A 172 5.26 -2.05 1.93
CA LEU A 172 6.66 -2.28 2.25
C LEU A 172 6.80 -3.38 3.30
N LEU A 173 7.99 -3.97 3.38
CA LEU A 173 8.28 -5.02 4.35
C LEU A 173 9.45 -4.62 5.25
N THR A 174 9.34 -4.92 6.54
CA THR A 174 10.38 -4.55 7.49
C THR A 174 11.66 -5.35 7.25
N CYS A 175 11.52 -6.59 6.78
CA CYS A 175 12.68 -7.42 6.47
C CYS A 175 12.31 -8.56 5.55
N PRO A 176 13.30 -9.15 4.87
CA PRO A 176 13.11 -10.30 3.97
C PRO A 176 12.64 -11.57 4.69
N GLY A 177 13.07 -11.75 5.93
CA GLY A 177 12.87 -13.01 6.61
C GLY A 177 11.47 -13.26 7.15
N PRO A 178 11.25 -14.40 7.82
CA PRO A 178 9.95 -14.86 8.31
C PRO A 178 9.24 -13.89 9.26
N GLY A 179 10.03 -13.10 9.98
CA GLY A 179 9.45 -12.16 10.94
C GLY A 179 9.01 -10.86 10.29
N ARG A 180 9.04 -10.81 8.96
CA ARG A 180 8.72 -9.60 8.23
C ARG A 180 7.35 -9.08 8.63
N VAL A 181 7.21 -7.76 8.67
CA VAL A 181 5.92 -7.12 8.85
C VAL A 181 5.63 -6.23 7.64
N ALA A 182 4.43 -6.37 7.08
CA ALA A 182 4.04 -5.56 5.94
C ALA A 182 3.33 -4.28 6.41
N LYS A 183 3.58 -3.17 5.72
CA LYS A 183 2.94 -1.91 6.06
C LYS A 183 2.58 -1.17 4.80
N ILE A 184 1.55 -0.33 4.87
CA ILE A 184 1.23 0.57 3.77
C ILE A 184 2.25 1.71 3.79
N GLY A 185 2.90 1.95 2.65
CA GLY A 185 4.04 2.84 2.64
C GLY A 185 3.93 4.08 1.79
N ASP A 186 2.89 4.16 0.96
CA ASP A 186 2.69 5.32 0.09
C ASP A 186 1.25 5.83 0.14
N PHE A 187 1.09 7.15 0.16
CA PHE A 187 -0.23 7.76 0.20
C PHE A 187 -0.36 8.85 -0.87
N GLY A 188 0.25 8.61 -2.02
CA GLY A 188 0.32 9.62 -3.06
C GLY A 188 -1.01 9.91 -3.75
N MET A 189 -1.85 8.88 -3.88
CA MET A 189 -3.15 9.05 -4.50
C MET A 189 -4.09 9.83 -3.59
N ALA A 190 -4.10 9.48 -2.31
CA ALA A 190 -4.94 10.16 -1.33
C ALA A 190 -4.55 11.64 -1.25
N ARG A 191 -3.26 11.91 -1.38
CA ARG A 191 -2.75 13.27 -1.32
C ARG A 191 -3.25 14.11 -2.49
N ASP A 192 -3.20 13.52 -3.69
CA ASP A 192 -3.66 14.20 -4.89
C ASP A 192 -5.12 14.62 -4.77
N ILE A 193 -5.96 13.72 -4.28
CA ILE A 193 -7.38 14.00 -4.15
C ILE A 193 -7.67 15.00 -3.04
N TYR A 194 -6.93 14.90 -1.95
CA TYR A 194 -7.04 15.88 -0.88
C TYR A 194 -6.57 17.24 -1.41
N ARG A 195 -5.67 17.19 -2.39
CA ARG A 195 -5.10 18.39 -3.00
C ARG A 195 -4.09 19.08 -2.09
N ALA A 196 -3.02 18.47 -1.82
N MET A 206 -3.13 7.20 -15.98
CA MET A 206 -2.38 7.19 -14.69
C MET A 206 -3.22 6.66 -13.53
N LEU A 207 -4.53 6.69 -13.69
CA LEU A 207 -5.42 6.16 -12.66
C LEU A 207 -5.21 4.66 -12.54
N PRO A 208 -5.14 4.16 -11.30
CA PRO A 208 -4.95 2.72 -11.06
C PRO A 208 -6.23 1.94 -11.34
N VAL A 209 -6.72 2.00 -12.58
CA VAL A 209 -8.03 1.43 -12.90
C VAL A 209 -8.12 -0.05 -12.55
N LYS A 210 -7.00 -0.76 -12.64
CA LYS A 210 -6.99 -2.19 -12.34
C LYS A 210 -7.21 -2.48 -10.85
N TRP A 211 -7.12 -1.46 -10.02
CA TRP A 211 -7.38 -1.61 -8.59
C TRP A 211 -8.69 -0.96 -8.14
N MET A 212 -9.45 -0.43 -9.10
CA MET A 212 -10.62 0.39 -8.76
C MET A 212 -11.96 -0.31 -8.99
N PRO A 213 -12.90 -0.13 -8.07
CA PRO A 213 -14.27 -0.63 -8.24
C PRO A 213 -15.03 0.20 -9.26
N PRO A 214 -16.12 -0.36 -9.81
CA PRO A 214 -16.89 0.33 -10.85
C PRO A 214 -17.34 1.73 -10.47
N GLU A 215 -17.97 1.88 -9.31
CA GLU A 215 -18.49 3.20 -8.92
C GLU A 215 -17.36 4.23 -8.85
N ALA A 216 -16.14 3.77 -8.60
CA ALA A 216 -15.00 4.67 -8.50
C ALA A 216 -14.59 5.23 -9.85
N PHE A 217 -14.30 4.34 -10.81
CA PHE A 217 -13.82 4.82 -12.11
C PHE A 217 -14.96 5.29 -13.01
N MET A 218 -16.20 4.92 -12.68
CA MET A 218 -17.35 5.40 -13.45
C MET A 218 -17.87 6.73 -12.91
N GLU A 219 -18.12 6.80 -11.61
CA GLU A 219 -18.79 7.95 -11.01
C GLU A 219 -17.84 8.81 -10.19
N GLY A 220 -16.61 8.34 -10.00
CA GLY A 220 -15.68 9.06 -9.16
C GLY A 220 -16.12 9.04 -7.71
N ILE A 221 -16.91 8.04 -7.35
CA ILE A 221 -17.35 7.88 -5.98
C ILE A 221 -16.36 7.02 -5.18
N PHE A 222 -15.89 7.57 -4.06
CA PHE A 222 -14.98 6.85 -3.19
C PHE A 222 -15.54 6.77 -1.78
N THR A 223 -15.48 5.57 -1.19
CA THR A 223 -15.91 5.35 0.19
C THR A 223 -14.99 4.32 0.80
N SER A 224 -15.24 3.96 2.06
CA SER A 224 -14.50 2.88 2.70
C SER A 224 -14.54 1.61 1.87
N LYS A 225 -15.61 1.42 1.10
CA LYS A 225 -15.77 0.22 0.31
C LYS A 225 -14.93 0.25 -0.96
N THR A 226 -14.36 1.41 -1.26
CA THR A 226 -13.40 1.52 -2.35
C THR A 226 -12.16 0.70 -2.03
N ASP A 227 -11.64 0.89 -0.82
CA ASP A 227 -10.43 0.20 -0.40
C ASP A 227 -10.67 -1.31 -0.28
N THR A 228 -11.89 -1.72 0.08
CA THR A 228 -12.18 -3.14 0.15
C THR A 228 -11.99 -3.81 -1.21
N TRP A 229 -12.46 -3.15 -2.27
CA TRP A 229 -12.29 -3.70 -3.61
C TRP A 229 -10.80 -3.80 -3.96
N SER A 230 -10.07 -2.72 -3.73
CA SER A 230 -8.64 -2.70 -4.03
C SER A 230 -7.89 -3.76 -3.25
N PHE A 231 -8.26 -3.95 -1.99
CA PHE A 231 -7.62 -4.97 -1.18
C PHE A 231 -7.80 -6.36 -1.81
N GLY A 232 -8.99 -6.60 -2.37
CA GLY A 232 -9.21 -7.85 -3.07
C GLY A 232 -8.21 -8.06 -4.19
N VAL A 233 -7.90 -6.98 -4.90
CA VAL A 233 -6.91 -7.04 -5.97
C VAL A 233 -5.51 -7.24 -5.42
N LEU A 234 -5.18 -6.55 -4.32
CA LEU A 234 -3.90 -6.77 -3.65
C LEU A 234 -3.76 -8.24 -3.25
N LEU A 235 -4.85 -8.82 -2.75
CA LEU A 235 -4.84 -10.21 -2.31
C LEU A 235 -4.45 -11.10 -3.48
N TRP A 236 -4.99 -10.79 -4.65
CA TRP A 236 -4.69 -11.54 -5.86
C TRP A 236 -3.22 -11.37 -6.21
N GLU A 237 -2.73 -10.14 -6.08
CA GLU A 237 -1.32 -9.87 -6.36
C GLU A 237 -0.45 -10.72 -5.45
N ILE A 238 -0.85 -10.80 -4.17
CA ILE A 238 -0.07 -11.51 -3.17
C ILE A 238 -0.03 -13.01 -3.51
N PHE A 239 -1.19 -13.61 -3.74
CA PHE A 239 -1.24 -15.05 -3.93
C PHE A 239 -0.84 -15.50 -5.34
N SER A 240 -0.81 -14.56 -6.27
CA SER A 240 -0.21 -14.82 -7.57
C SER A 240 1.31 -14.66 -7.51
N LEU A 241 1.80 -14.20 -6.36
CA LEU A 241 3.22 -13.88 -6.17
C LEU A 241 3.73 -12.78 -7.10
N GLY A 242 2.95 -11.70 -7.23
CA GLY A 242 3.48 -10.48 -7.81
C GLY A 242 3.19 -10.25 -9.28
N TYR A 243 2.25 -11.01 -9.83
CA TYR A 243 1.81 -10.77 -11.20
C TYR A 243 0.99 -9.49 -11.28
N MET A 244 1.02 -8.87 -12.44
CA MET A 244 0.14 -7.76 -12.78
C MET A 244 -1.30 -8.26 -12.87
N PRO A 245 -2.24 -7.55 -12.25
CA PRO A 245 -3.65 -7.96 -12.31
C PRO A 245 -4.21 -7.98 -13.74
N TYR A 246 -5.22 -8.82 -13.96
CA TYR A 246 -5.86 -8.96 -15.26
C TYR A 246 -4.82 -9.15 -16.34
N PRO A 247 -4.07 -10.25 -16.27
CA PRO A 247 -2.98 -10.46 -17.22
C PRO A 247 -3.45 -10.38 -18.67
N SER A 248 -2.73 -9.58 -19.46
CA SER A 248 -2.95 -9.45 -20.90
C SER A 248 -4.00 -8.40 -21.25
N LYS A 249 -4.69 -7.89 -20.23
CA LYS A 249 -5.70 -6.85 -20.46
C LYS A 249 -5.14 -5.45 -20.26
N SER A 250 -5.56 -4.53 -21.11
CA SER A 250 -5.21 -3.13 -20.95
C SER A 250 -6.21 -2.49 -19.99
N ASN A 251 -5.97 -1.23 -19.63
CA ASN A 251 -6.86 -0.53 -18.70
C ASN A 251 -8.30 -0.52 -19.20
N GLN A 252 -8.49 -0.18 -20.47
CA GLN A 252 -9.85 -0.05 -21.00
C GLN A 252 -10.56 -1.40 -21.06
N GLU A 253 -9.81 -2.45 -21.37
CA GLU A 253 -10.38 -3.79 -21.42
C GLU A 253 -10.80 -4.22 -20.01
N VAL A 254 -9.98 -3.85 -19.03
CA VAL A 254 -10.32 -4.14 -17.64
C VAL A 254 -11.57 -3.37 -17.23
N LEU A 255 -11.60 -2.09 -17.57
CA LEU A 255 -12.77 -1.26 -17.31
C LEU A 255 -14.03 -1.94 -17.84
N GLU A 256 -13.99 -2.36 -19.09
CA GLU A 256 -15.15 -3.01 -19.73
C GLU A 256 -15.42 -4.39 -19.12
N PHE A 257 -14.36 -5.14 -18.86
CA PHE A 257 -14.47 -6.47 -18.25
C PHE A 257 -15.17 -6.40 -16.89
N VAL A 258 -14.66 -5.56 -16.00
CA VAL A 258 -15.20 -5.45 -14.64
C VAL A 258 -16.61 -4.84 -14.62
N THR A 259 -16.84 -3.88 -15.51
CA THR A 259 -18.16 -3.25 -15.61
C THR A 259 -19.23 -4.24 -16.03
N SER A 260 -18.85 -5.24 -16.82
CA SER A 260 -19.79 -6.24 -17.30
C SER A 260 -19.86 -7.46 -16.37
N GLY A 261 -19.25 -7.34 -15.20
CA GLY A 261 -19.32 -8.41 -14.22
C GLY A 261 -18.15 -9.39 -14.24
N GLY A 262 -17.16 -9.13 -15.09
CA GLY A 262 -15.99 -10.00 -15.12
C GLY A 262 -15.10 -9.86 -13.89
N ARG A 263 -14.51 -10.97 -13.47
CA ARG A 263 -13.58 -10.98 -12.34
C ARG A 263 -12.39 -11.88 -12.65
N MET A 264 -11.27 -11.65 -11.98
CA MET A 264 -10.10 -12.51 -12.18
C MET A 264 -10.35 -13.94 -11.72
N ASP A 265 -9.73 -14.89 -12.43
CA ASP A 265 -9.62 -16.26 -11.97
C ASP A 265 -8.68 -16.31 -10.76
N PRO A 266 -8.77 -17.39 -9.98
CA PRO A 266 -7.83 -17.54 -8.86
C PRO A 266 -6.38 -17.63 -9.35
N PRO A 267 -5.44 -17.08 -8.57
CA PRO A 267 -4.02 -17.29 -8.85
C PRO A 267 -3.70 -18.78 -8.81
N LYS A 268 -2.59 -19.16 -9.43
CA LYS A 268 -2.18 -20.56 -9.48
C LYS A 268 -2.06 -21.15 -8.08
N ASN A 269 -2.74 -22.27 -7.86
CA ASN A 269 -2.68 -23.00 -6.59
C ASN A 269 -3.38 -22.29 -5.43
N CYS A 270 -4.14 -21.24 -5.71
CA CYS A 270 -4.79 -20.48 -4.66
C CYS A 270 -5.89 -21.32 -4.02
N PRO A 271 -5.86 -21.46 -2.69
CA PRO A 271 -6.92 -22.17 -1.95
C PRO A 271 -8.28 -21.48 -2.13
N GLY A 272 -9.33 -22.28 -2.29
CA GLY A 272 -10.66 -21.73 -2.45
C GLY A 272 -11.08 -20.74 -1.38
N PRO A 273 -10.75 -20.99 -0.11
CA PRO A 273 -11.10 -20.03 0.95
C PRO A 273 -10.49 -18.63 0.75
N VAL A 274 -9.28 -18.60 0.20
CA VAL A 274 -8.61 -17.33 -0.05
C VAL A 274 -9.26 -16.64 -1.26
N TYR A 275 -9.48 -17.39 -2.32
CA TYR A 275 -10.13 -16.85 -3.52
C TYR A 275 -11.50 -16.28 -3.18
N ARG A 276 -12.19 -16.89 -2.23
CA ARG A 276 -13.53 -16.43 -1.88
C ARG A 276 -13.53 -15.11 -1.12
N ILE A 277 -12.44 -14.81 -0.42
CA ILE A 277 -12.27 -13.48 0.14
C ILE A 277 -12.18 -12.47 -1.01
N MET A 278 -11.39 -12.81 -2.02
CA MET A 278 -11.25 -11.94 -3.20
C MET A 278 -12.60 -11.65 -3.84
N THR A 279 -13.34 -12.70 -4.18
CA THR A 279 -14.60 -12.52 -4.90
C THR A 279 -15.63 -11.75 -4.06
N GLN A 280 -15.54 -11.85 -2.74
CA GLN A 280 -16.41 -11.04 -1.89
C GLN A 280 -15.99 -9.57 -1.89
N CYS A 281 -14.68 -9.33 -1.94
CA CYS A 281 -14.17 -7.95 -2.04
C CYS A 281 -14.59 -7.31 -3.36
N TRP A 282 -14.81 -8.13 -4.39
CA TRP A 282 -15.15 -7.62 -5.70
C TRP A 282 -16.66 -7.63 -5.99
N GLN A 283 -17.49 -7.64 -4.96
CA GLN A 283 -18.93 -7.57 -5.19
C GLN A 283 -19.26 -6.23 -5.86
N HIS A 284 -20.19 -6.27 -6.81
CA HIS A 284 -20.48 -5.07 -7.60
C HIS A 284 -21.06 -3.96 -6.74
N GLN A 285 -21.98 -4.31 -5.85
CA GLN A 285 -22.56 -3.35 -4.94
C GLN A 285 -21.64 -3.15 -3.75
N PRO A 286 -21.27 -1.89 -3.47
CA PRO A 286 -20.39 -1.53 -2.36
C PRO A 286 -20.88 -2.10 -1.02
N GLU A 287 -22.20 -2.12 -0.86
CA GLU A 287 -22.80 -2.58 0.39
C GLU A 287 -22.71 -4.09 0.57
N ASP A 288 -22.50 -4.82 -0.53
CA ASP A 288 -22.34 -6.26 -0.45
C ASP A 288 -20.89 -6.67 -0.14
N ARG A 289 -19.99 -5.71 -0.13
CA ARG A 289 -18.58 -6.01 0.12
C ARG A 289 -18.29 -5.93 1.62
N PRO A 290 -17.41 -6.81 2.12
CA PRO A 290 -17.10 -6.87 3.55
C PRO A 290 -16.31 -5.64 4.02
N ASN A 291 -16.52 -5.23 5.26
CA ASN A 291 -15.66 -4.23 5.87
C ASN A 291 -14.39 -4.92 6.32
N PHE A 292 -13.40 -4.18 6.81
CA PHE A 292 -12.13 -4.84 7.06
C PHE A 292 -12.09 -5.72 8.29
N ALA A 293 -12.98 -5.48 9.24
CA ALA A 293 -13.11 -6.36 10.40
C ALA A 293 -13.50 -7.75 9.92
N ILE A 294 -14.37 -7.82 8.92
CA ILE A 294 -14.81 -9.09 8.38
C ILE A 294 -13.69 -9.73 7.57
N ILE A 295 -13.00 -8.92 6.77
CA ILE A 295 -11.89 -9.43 5.99
C ILE A 295 -10.83 -10.04 6.91
N LEU A 296 -10.52 -9.36 8.00
CA LEU A 296 -9.54 -9.86 8.95
C LEU A 296 -9.98 -11.17 9.59
N GLU A 297 -11.29 -11.29 9.84
CA GLU A 297 -11.83 -12.53 10.39
C GLU A 297 -11.60 -13.69 9.42
N ARG A 298 -11.86 -13.46 8.14
CA ARG A 298 -11.77 -14.52 7.15
C ARG A 298 -10.32 -14.87 6.87
N ILE A 299 -9.43 -13.88 6.95
CA ILE A 299 -8.02 -14.14 6.81
C ILE A 299 -7.53 -15.00 7.97
N GLU A 300 -7.99 -14.68 9.17
CA GLU A 300 -7.66 -15.46 10.35
C GLU A 300 -8.09 -16.92 10.17
N TYR A 301 -9.32 -17.11 9.71
CA TYR A 301 -9.85 -18.45 9.54
C TYR A 301 -8.99 -19.24 8.55
N CYS A 302 -8.59 -18.59 7.46
CA CYS A 302 -7.72 -19.21 6.47
C CYS A 302 -6.40 -19.68 7.09
N THR A 303 -5.84 -18.89 7.99
CA THR A 303 -4.56 -19.22 8.61
C THR A 303 -4.69 -20.38 9.59
N GLN A 304 -5.91 -20.62 10.07
CA GLN A 304 -6.17 -21.72 11.00
C GLN A 304 -6.43 -23.02 10.25
N ASP A 305 -6.78 -22.90 8.98
CA ASP A 305 -7.25 -24.05 8.20
C ASP A 305 -6.07 -24.79 7.58
N PRO A 306 -5.82 -26.03 8.05
CA PRO A 306 -4.69 -26.80 7.53
C PRO A 306 -4.74 -27.01 6.01
N ASP A 307 -5.93 -27.19 5.47
CA ASP A 307 -6.06 -27.41 4.04
C ASP A 307 -5.66 -26.17 3.23
N VAL A 308 -5.69 -25.00 3.87
CA VAL A 308 -5.18 -23.79 3.23
C VAL A 308 -3.67 -23.71 3.32
N ILE A 309 -3.14 -23.72 4.54
CA ILE A 309 -1.73 -23.41 4.72
C ILE A 309 -0.81 -24.57 4.37
N ASN A 310 -1.37 -25.77 4.26
CA ASN A 310 -0.59 -26.90 3.75
C ASN A 310 -0.51 -26.94 2.23
N THR A 311 -1.25 -26.05 1.57
CA THR A 311 -1.19 -26.01 0.11
C THR A 311 0.13 -25.41 -0.34
N ALA A 312 0.84 -26.12 -1.20
CA ALA A 312 2.14 -25.67 -1.68
C ALA A 312 2.00 -24.60 -2.75
N LEU A 313 2.87 -23.59 -2.69
CA LEU A 313 2.93 -22.59 -3.75
C LEU A 313 3.60 -23.18 -4.97
N PRO A 314 3.26 -22.68 -6.17
CA PRO A 314 3.90 -23.18 -7.38
C PRO A 314 5.38 -22.82 -7.39
N ILE A 315 6.20 -23.70 -7.97
CA ILE A 315 7.62 -23.45 -8.12
C ILE A 315 7.92 -23.18 -9.59
N GLU A 316 8.47 -22.02 -9.89
CA GLU A 316 8.79 -21.71 -11.29
C GLU A 316 10.23 -22.08 -11.61
N TYR A 317 10.47 -22.60 -12.72
#